data_2HNL
#
_entry.id   2HNL
#
_cell.length_a   50.783
_cell.length_b   90.995
_cell.length_c   106.010
_cell.angle_alpha   90.000
_cell.angle_beta   90.000
_cell.angle_gamma   90.000
#
_symmetry.space_group_name_H-M   'P 21 21 21'
#
loop_
_entity.id
_entity.type
_entity.pdbx_description
1 polymer 'Glutathione S-transferase 1'
2 non-polymer GLUTATHIONE
3 water water
#
_entity_poly.entity_id   1
_entity_poly.type   'polypeptide(L)'
_entity_poly.pdbx_seq_one_letter_code
;ASSNANQAITSENSIKPKGKLQPQMEKYTLTYFNGRGRAEVIRLLFALANVSYEDNRITRDEWKYLKPRTPFGHVPMLNV
SGNVLGESHAIELLLGGRFGLLGTNDWEEAKIMAVVLNIDELFQKLIPWTHEKNTTKKAELFRNLSESDVMPFLGRYEKF
LKESTTGHIVGNKVSVADLTVFNMLMTLDDEVKLEEYPQLASFVNKIGQMPGIKEWIKKRPKTYF
;
_entity_poly.pdbx_strand_id   A,B
#
loop_
_chem_comp.id
_chem_comp.type
_chem_comp.name
_chem_comp.formula
GSH non-polymer GLUTATHIONE 'C10 H17 N3 O6 S'
#
# COMPACT_ATOMS: atom_id res chain seq x y z
N GLN A 24 -6.46 -13.94 27.59
CA GLN A 24 -5.01 -13.56 27.38
C GLN A 24 -4.80 -12.66 26.14
N MET A 25 -4.38 -11.43 26.42
CA MET A 25 -3.98 -10.44 25.44
C MET A 25 -2.95 -11.00 24.48
N GLU A 26 -3.07 -10.60 23.22
CA GLU A 26 -1.96 -10.78 22.30
C GLU A 26 -0.73 -10.00 22.77
N LYS A 27 0.42 -10.61 22.56
CA LYS A 27 1.70 -10.00 22.76
C LYS A 27 2.16 -9.39 21.42
N TYR A 28 2.38 -8.08 21.39
CA TYR A 28 2.83 -7.39 20.20
C TYR A 28 4.29 -6.97 20.30
N THR A 29 5.09 -7.28 19.28
CA THR A 29 6.44 -6.78 19.17
C THR A 29 6.61 -6.11 17.79
N LEU A 30 6.95 -4.84 17.80
CA LEU A 30 7.22 -4.14 16.56
C LEU A 30 8.71 -4.04 16.42
N THR A 31 9.21 -4.38 15.23
CA THR A 31 10.60 -4.24 14.90
C THR A 31 10.79 -3.24 13.82
N TYR A 32 11.67 -2.31 14.13
CA TYR A 32 12.07 -1.27 13.17
C TYR A 32 13.44 -0.75 13.58
N PHE A 33 14.06 0.07 12.75
CA PHE A 33 15.21 0.85 13.19
C PHE A 33 14.82 1.85 14.29
N ASN A 34 15.86 2.45 14.88
CA ASN A 34 15.68 3.47 15.85
C ASN A 34 15.33 4.71 15.10
N GLY A 35 14.06 4.87 14.80
CA GLY A 35 13.63 6.02 14.06
C GLY A 35 12.15 6.00 13.93
N ARG A 36 11.58 7.13 13.47
CA ARG A 36 10.13 7.26 13.27
C ARG A 36 9.82 6.50 11.97
N GLY A 37 10.18 7.10 10.84
CA GLY A 37 10.12 6.47 9.53
C GLY A 37 8.78 5.82 9.24
N ARG A 38 8.81 4.59 8.74
CA ARG A 38 7.63 3.86 8.34
C ARG A 38 6.93 3.13 9.48
N ALA A 39 7.49 3.25 10.69
CA ALA A 39 6.93 2.66 11.91
C ALA A 39 6.12 3.59 12.76
N GLU A 40 6.21 4.89 12.55
CA GLU A 40 5.66 5.82 13.54
C GLU A 40 4.16 5.86 13.61
N VAL A 41 3.46 5.67 12.47
CA VAL A 41 2.00 5.60 12.52
C VAL A 41 1.58 4.39 13.33
N ILE A 42 2.30 3.28 13.19
CA ILE A 42 1.99 2.12 13.97
C ILE A 42 2.19 2.44 15.47
N ARG A 43 3.27 3.10 15.80
CA ARG A 43 3.51 3.50 17.19
C ARG A 43 2.46 4.48 17.69
N LEU A 44 1.93 5.36 16.83
CA LEU A 44 0.80 6.19 17.20
C LEU A 44 -0.50 5.42 17.41
N LEU A 45 -0.72 4.38 16.63
CA LEU A 45 -1.92 3.57 16.83
C LEU A 45 -1.87 2.91 18.20
N PHE A 46 -0.73 2.36 18.59
CA PHE A 46 -0.61 1.71 19.91
C PHE A 46 -0.81 2.73 21.02
N ALA A 47 -0.19 3.89 20.86
CA ALA A 47 -0.29 5.00 21.81
C ALA A 47 -1.72 5.43 21.98
N LEU A 48 -2.40 5.72 20.87
CA LEU A 48 -3.78 6.15 20.94
C LEU A 48 -4.68 5.08 21.55
N ALA A 49 -4.50 3.83 21.12
CA ALA A 49 -5.33 2.72 21.62
C ALA A 49 -5.04 2.28 23.07
N ASN A 50 -3.94 2.78 23.60
CA ASN A 50 -3.34 2.38 24.86
C ASN A 50 -3.16 0.87 24.90
N VAL A 51 -2.53 0.35 23.86
CA VAL A 51 -2.27 -1.09 23.78
C VAL A 51 -0.80 -1.23 23.89
N SER A 52 -0.40 -2.06 24.85
CA SER A 52 1.00 -2.27 25.15
C SER A 52 1.73 -3.12 24.07
N TYR A 53 2.97 -2.78 23.77
CA TYR A 53 3.77 -3.54 22.80
C TYR A 53 5.21 -3.32 23.11
N GLU A 54 6.05 -4.19 22.58
CA GLU A 54 7.49 -4.06 22.67
C GLU A 54 7.96 -3.31 21.44
N ASP A 55 8.63 -2.21 21.69
CA ASP A 55 9.19 -1.32 20.68
C ASP A 55 10.65 -1.64 20.41
N ASN A 56 10.84 -2.70 19.63
CA ASN A 56 12.16 -3.24 19.32
C ASN A 56 12.83 -2.44 18.21
N ARG A 57 13.86 -1.68 18.59
CA ARG A 57 14.61 -0.85 17.67
C ARG A 57 15.95 -1.48 17.48
N ILE A 58 16.24 -1.86 16.25
CA ILE A 58 17.46 -2.57 15.98
C ILE A 58 18.41 -1.66 15.23
N THR A 59 19.68 -2.02 15.28
CA THR A 59 20.72 -1.33 14.54
C THR A 59 20.86 -1.95 13.18
N ARG A 60 21.54 -1.26 12.28
CA ARG A 60 21.89 -1.84 11.00
C ARG A 60 22.62 -3.19 11.08
N ASP A 61 23.46 -3.32 12.09
CA ASP A 61 24.21 -4.54 12.24
C ASP A 61 23.34 -5.71 12.65
N GLU A 62 22.44 -5.50 13.60
CA GLU A 62 21.46 -6.52 13.95
C GLU A 62 20.60 -6.86 12.72
N TRP A 63 20.31 -5.84 11.92
CA TRP A 63 19.46 -5.98 10.74
C TRP A 63 20.08 -6.90 9.70
N LYS A 64 21.40 -6.91 9.59
CA LYS A 64 22.10 -7.84 8.67
C LYS A 64 21.61 -9.28 8.82
N TYR A 65 21.54 -9.74 10.07
CA TYR A 65 21.12 -11.10 10.39
C TYR A 65 19.60 -11.29 10.23
N LEU A 66 18.84 -10.26 10.53
CA LEU A 66 17.38 -10.39 10.63
C LEU A 66 16.74 -10.35 9.24
N LYS A 67 17.33 -9.58 8.34
CA LYS A 67 16.72 -9.27 7.04
C LYS A 67 16.27 -10.49 6.23
N PRO A 68 17.11 -11.52 6.09
CA PRO A 68 16.75 -12.73 5.34
C PRO A 68 15.68 -13.56 6.00
N ARG A 69 15.44 -13.39 7.29
CA ARG A 69 14.39 -14.14 7.96
C ARG A 69 13.05 -13.40 7.98
N THR A 70 13.00 -12.19 7.48
CA THR A 70 11.73 -11.50 7.32
C THR A 70 11.04 -11.92 6.02
N PRO A 71 9.72 -11.77 5.97
CA PRO A 71 8.98 -12.20 4.77
C PRO A 71 9.34 -11.46 3.51
N PHE A 72 9.58 -10.15 3.57
CA PHE A 72 9.85 -9.36 2.34
C PHE A 72 11.18 -8.62 2.32
N GLY A 73 12.00 -8.87 3.34
CA GLY A 73 13.31 -8.20 3.45
C GLY A 73 13.24 -6.77 3.98
N HIS A 74 12.19 -6.43 4.73
CA HIS A 74 12.04 -5.08 5.25
C HIS A 74 11.50 -5.04 6.69
N VAL A 75 11.66 -3.88 7.28
CA VAL A 75 10.96 -3.43 8.50
C VAL A 75 10.10 -2.24 8.10
N PRO A 76 9.02 -1.98 8.82
CA PRO A 76 8.66 -2.64 10.08
C PRO A 76 8.10 -4.02 9.92
N MET A 77 8.20 -4.78 10.99
CA MET A 77 7.62 -6.07 11.09
C MET A 77 6.83 -6.11 12.37
N LEU A 78 5.72 -6.86 12.43
CA LEU A 78 5.00 -7.06 13.67
C LEU A 78 4.94 -8.55 14.00
N ASN A 79 5.29 -8.88 15.24
CA ASN A 79 5.12 -10.22 15.76
C ASN A 79 3.93 -10.19 16.69
N VAL A 80 2.90 -10.98 16.38
CA VAL A 80 1.71 -11.06 17.21
C VAL A 80 1.64 -12.48 17.77
N SER A 81 2.05 -12.63 19.04
CA SER A 81 2.00 -13.89 19.77
C SER A 81 2.61 -15.04 18.99
N GLY A 82 3.81 -14.82 18.45
CA GLY A 82 4.53 -15.82 17.65
C GLY A 82 4.28 -15.84 16.14
N ASN A 83 3.37 -15.01 15.64
CA ASN A 83 3.04 -14.97 14.22
C ASN A 83 3.52 -13.63 13.64
N VAL A 84 4.16 -13.69 12.49
CA VAL A 84 4.88 -12.55 11.98
C VAL A 84 4.14 -11.96 10.80
N LEU A 85 4.06 -10.62 10.76
CA LEU A 85 3.39 -9.88 9.68
C LEU A 85 4.33 -8.79 9.24
N GLY A 86 4.59 -8.74 7.95
CA GLY A 86 5.28 -7.61 7.38
C GLY A 86 4.39 -6.53 6.79
N GLU A 87 5.05 -5.50 6.30
CA GLU A 87 4.46 -4.36 5.59
C GLU A 87 3.70 -3.32 6.47
N SER A 88 4.25 -2.12 6.53
CA SER A 88 3.71 -1.05 7.34
C SER A 88 2.22 -0.89 7.17
N HIS A 89 1.72 -0.90 5.93
CA HIS A 89 0.31 -0.58 5.75
C HIS A 89 -0.56 -1.79 5.99
N ALA A 90 -0.01 -2.99 5.86
CA ALA A 90 -0.73 -4.18 6.30
C ALA A 90 -0.84 -4.23 7.82
N ILE A 91 0.25 -3.88 8.52
CA ILE A 91 0.25 -3.77 9.96
C ILE A 91 -0.73 -2.69 10.48
N GLU A 92 -0.71 -1.52 9.86
CA GLU A 92 -1.67 -0.45 10.15
C GLU A 92 -3.11 -0.86 9.89
N LEU A 93 -3.30 -1.66 8.84
CA LEU A 93 -4.63 -2.27 8.58
C LEU A 93 -5.09 -3.17 9.74
N LEU A 94 -4.26 -4.12 10.10
CA LEU A 94 -4.59 -5.05 11.16
C LEU A 94 -4.91 -4.29 12.49
N LEU A 95 -3.99 -3.44 12.92
CA LEU A 95 -4.10 -2.76 14.20
C LEU A 95 -5.24 -1.73 14.17
N GLY A 96 -5.38 -1.07 13.04
CA GLY A 96 -6.39 -0.05 12.84
C GLY A 96 -7.73 -0.71 13.01
N GLY A 97 -7.88 -1.90 12.43
CA GLY A 97 -9.09 -2.68 12.54
C GLY A 97 -9.36 -3.13 13.97
N ARG A 98 -8.34 -3.66 14.63
CA ARG A 98 -8.52 -4.13 15.98
C ARG A 98 -8.82 -2.98 16.94
N PHE A 99 -8.32 -1.79 16.63
CA PHE A 99 -8.40 -0.69 17.57
C PHE A 99 -9.60 0.20 17.25
N GLY A 100 -10.38 -0.15 16.23
CA GLY A 100 -11.55 0.61 15.84
C GLY A 100 -11.22 1.92 15.18
N LEU A 101 -10.15 1.93 14.37
CA LEU A 101 -9.68 3.13 13.71
C LEU A 101 -9.79 3.03 12.19
N LEU A 102 -10.72 2.22 11.70
CA LEU A 102 -10.96 2.07 10.26
C LEU A 102 -12.40 2.44 9.88
N GLY A 103 -13.00 3.42 10.58
CA GLY A 103 -14.35 3.83 10.25
C GLY A 103 -15.40 2.82 10.66
N THR A 104 -16.60 2.97 10.12
CA THR A 104 -17.77 2.23 10.57
C THR A 104 -18.36 1.36 9.51
N ASN A 105 -17.78 1.36 8.30
CA ASN A 105 -18.24 0.44 7.27
C ASN A 105 -17.09 0.17 6.30
N ASP A 106 -17.29 -0.73 5.33
CA ASP A 106 -16.18 -1.11 4.46
C ASP A 106 -15.77 -0.01 3.47
N TRP A 107 -16.70 0.90 3.16
CA TRP A 107 -16.40 2.01 2.29
C TRP A 107 -15.49 3.04 2.99
N GLU A 108 -15.84 3.44 4.19
CA GLU A 108 -14.96 4.28 4.99
C GLU A 108 -13.60 3.60 5.22
N GLU A 109 -13.58 2.32 5.53
CA GLU A 109 -12.30 1.63 5.69
C GLU A 109 -11.41 1.74 4.44
N ALA A 110 -11.99 1.52 3.28
CA ALA A 110 -11.29 1.62 2.04
C ALA A 110 -10.82 3.06 1.76
N LYS A 111 -11.63 4.06 2.09
CA LYS A 111 -11.23 5.45 1.87
C LYS A 111 -10.10 5.81 2.84
N ILE A 112 -10.14 5.28 4.04
CA ILE A 112 -9.07 5.51 5.02
C ILE A 112 -7.79 4.92 4.53
N MET A 113 -7.85 3.69 4.02
CA MET A 113 -6.65 3.03 3.49
C MET A 113 -6.13 3.70 2.21
N ALA A 114 -7.01 4.26 1.39
CA ALA A 114 -6.60 5.03 0.22
C ALA A 114 -5.75 6.22 0.65
N VAL A 115 -6.21 6.94 1.66
CA VAL A 115 -5.41 8.05 2.18
C VAL A 115 -4.04 7.52 2.65
N VAL A 116 -4.03 6.42 3.38
CA VAL A 116 -2.78 5.90 3.90
C VAL A 116 -1.80 5.63 2.72
N LEU A 117 -2.29 5.01 1.67
CA LEU A 117 -1.52 4.71 0.49
C LEU A 117 -1.10 5.92 -0.29
N ASN A 118 -1.95 6.96 -0.32
CA ASN A 118 -1.56 8.19 -0.93
C ASN A 118 -0.41 8.86 -0.18
N ILE A 119 -0.48 8.90 1.14
CA ILE A 119 0.60 9.50 1.92
C ILE A 119 1.89 8.72 1.78
N ASP A 120 1.78 7.40 1.57
CA ASP A 120 2.95 6.58 1.29
C ASP A 120 3.75 7.07 0.08
N GLU A 121 3.06 7.46 -0.99
CA GLU A 121 3.75 8.02 -2.14
C GLU A 121 4.53 9.27 -1.77
N LEU A 122 3.94 10.14 -0.96
CA LEU A 122 4.66 11.34 -0.50
C LEU A 122 5.84 10.98 0.42
N PHE A 123 5.64 10.07 1.35
CA PHE A 123 6.68 9.56 2.19
C PHE A 123 7.84 9.08 1.35
N GLN A 124 7.57 8.25 0.33
CA GLN A 124 8.62 7.75 -0.55
C GLN A 124 9.37 8.90 -1.22
N LYS A 125 8.69 9.91 -1.72
CA LYS A 125 9.36 11.03 -2.35
C LYS A 125 10.23 11.80 -1.37
N LEU A 126 9.88 11.78 -0.08
CA LEU A 126 10.61 12.54 0.91
C LEU A 126 11.80 11.80 1.48
N ILE A 127 11.99 10.54 1.16
CA ILE A 127 13.09 9.78 1.77
C ILE A 127 14.47 10.51 1.63
N PRO A 128 14.90 10.90 0.43
CA PRO A 128 16.18 11.63 0.32
C PRO A 128 16.24 12.85 1.24
N TRP A 129 15.16 13.64 1.30
CA TRP A 129 15.13 14.81 2.15
C TRP A 129 15.30 14.45 3.63
N THR A 130 14.55 13.44 4.08
CA THR A 130 14.63 13.02 5.47
C THR A 130 16.06 12.65 5.87
N HIS A 131 16.81 12.06 4.95
CA HIS A 131 18.13 11.50 5.26
C HIS A 131 19.28 12.46 4.93
N GLU A 132 18.98 13.63 4.37
CA GLU A 132 20.01 14.58 3.98
C GLU A 132 20.31 15.44 5.19
N LYS A 133 21.51 15.27 5.75
CA LYS A 133 21.93 16.00 6.94
C LYS A 133 22.61 17.35 6.60
N ASN A 134 23.03 17.53 5.36
CA ASN A 134 23.57 18.84 4.95
C ASN A 134 22.37 19.79 4.73
N THR A 135 22.32 20.88 5.51
CA THR A 135 21.13 21.74 5.49
C THR A 135 20.83 22.46 4.18
N THR A 136 21.87 22.87 3.45
CA THR A 136 21.71 23.48 2.14
C THR A 136 21.15 22.48 1.16
N LYS A 137 21.75 21.30 1.12
CA LYS A 137 21.29 20.29 0.20
C LYS A 137 19.85 19.81 0.56
N LYS A 138 19.50 19.87 1.81
CA LYS A 138 18.26 19.29 2.28
C LYS A 138 17.17 20.29 1.84
N ALA A 139 17.44 21.57 2.05
CA ALA A 139 16.53 22.63 1.58
C ALA A 139 16.31 22.59 0.07
N GLU A 140 17.34 22.27 -0.70
CA GLU A 140 17.18 22.11 -2.14
C GLU A 140 16.30 20.90 -2.51
N LEU A 141 16.50 19.77 -1.83
CA LEU A 141 15.68 18.59 -2.05
C LEU A 141 14.22 18.96 -1.80
N PHE A 142 13.97 19.69 -0.71
CA PHE A 142 12.61 20.06 -0.37
C PHE A 142 12.04 21.03 -1.37
N ARG A 143 12.83 22.04 -1.74
CA ARG A 143 12.38 23.00 -2.74
C ARG A 143 11.90 22.32 -3.99
N ASN A 144 12.62 21.34 -4.44
CA ASN A 144 12.26 20.68 -5.66
C ASN A 144 10.99 19.82 -5.59
N LEU A 145 10.53 19.50 -4.37
CA LEU A 145 9.28 18.76 -4.16
C LEU A 145 8.09 19.64 -3.74
N SER A 146 8.35 20.93 -3.52
CA SER A 146 7.36 21.82 -2.96
C SER A 146 6.14 21.95 -3.87
N GLU A 147 6.32 22.47 -5.05
CA GLU A 147 5.23 22.62 -6.00
C GLU A 147 4.70 21.25 -6.44
N SER A 148 5.55 20.27 -6.70
CA SER A 148 5.10 19.03 -7.30
C SER A 148 4.31 18.12 -6.32
N ASP A 149 4.62 18.17 -5.02
CA ASP A 149 4.12 17.16 -4.09
C ASP A 149 3.63 17.70 -2.76
N VAL A 150 4.35 18.64 -2.18
CA VAL A 150 4.04 19.11 -0.82
C VAL A 150 2.83 20.03 -0.85
N MET A 151 2.87 21.04 -1.72
CA MET A 151 1.75 21.95 -1.84
C MET A 151 0.48 21.19 -2.24
N PRO A 152 0.50 20.31 -3.24
CA PRO A 152 -0.68 19.49 -3.55
C PRO A 152 -1.16 18.67 -2.32
N PHE A 153 -0.25 18.15 -1.51
CA PHE A 153 -0.61 17.44 -0.28
C PHE A 153 -1.39 18.36 0.65
N LEU A 154 -0.84 19.54 0.92
CA LEU A 154 -1.49 20.46 1.86
C LEU A 154 -2.87 20.88 1.39
N GLY A 155 -2.98 21.16 0.11
CA GLY A 155 -4.25 21.59 -0.49
C GLY A 155 -5.29 20.52 -0.43
N ARG A 156 -4.86 19.29 -0.75
CA ARG A 156 -5.74 18.13 -0.74
C ARG A 156 -6.37 17.90 0.62
N TYR A 157 -5.53 17.91 1.64
CA TYR A 157 -5.99 17.51 2.96
C TYR A 157 -6.67 18.68 3.66
N GLU A 158 -6.29 19.89 3.29
CA GLU A 158 -7.02 21.08 3.77
C GLU A 158 -8.48 21.00 3.30
N LYS A 159 -8.67 20.59 2.06
CA LYS A 159 -9.97 20.48 1.42
C LYS A 159 -10.78 19.32 1.98
N PHE A 160 -10.17 18.13 2.10
CA PHE A 160 -10.87 17.04 2.79
C PHE A 160 -11.41 17.54 4.14
N LEU A 161 -10.59 18.20 4.93
CA LEU A 161 -11.03 18.64 6.25
C LEU A 161 -12.11 19.74 6.17
N LYS A 162 -11.93 20.68 5.25
CA LYS A 162 -12.93 21.75 5.01
C LYS A 162 -14.33 21.17 4.76
N GLU A 163 -14.36 20.11 3.94
CA GLU A 163 -15.60 19.42 3.58
C GLU A 163 -16.12 18.44 4.65
N SER A 164 -15.35 18.26 5.72
CA SER A 164 -15.75 17.36 6.79
C SER A 164 -16.47 18.18 7.84
N THR A 165 -17.50 17.62 8.43
CA THR A 165 -18.26 18.35 9.44
C THR A 165 -17.64 18.19 10.82
N THR A 166 -16.83 17.14 11.01
CA THR A 166 -16.22 16.89 12.32
C THR A 166 -14.73 17.11 12.41
N GLY A 167 -14.07 17.53 11.33
CA GLY A 167 -12.61 17.72 11.39
C GLY A 167 -11.82 16.41 11.37
N HIS A 168 -12.37 15.41 10.68
CA HIS A 168 -11.70 14.14 10.40
C HIS A 168 -11.46 13.96 8.92
N ILE A 169 -10.40 13.26 8.55
CA ILE A 169 -10.13 13.05 7.13
C ILE A 169 -11.19 12.17 6.48
N VAL A 170 -11.64 11.11 7.16
CA VAL A 170 -12.71 10.28 6.65
C VAL A 170 -13.68 10.06 7.78
N GLY A 171 -14.97 10.18 7.48
CA GLY A 171 -15.99 9.93 8.46
C GLY A 171 -16.04 10.86 9.65
N ASN A 172 -16.58 10.35 10.73
CA ASN A 172 -16.90 11.12 11.95
C ASN A 172 -16.10 10.78 13.19
N LYS A 173 -15.05 9.97 13.06
CA LYS A 173 -14.17 9.68 14.19
C LYS A 173 -12.72 9.52 13.71
N VAL A 174 -11.80 9.57 14.65
CA VAL A 174 -10.37 9.43 14.36
C VAL A 174 -10.11 8.08 13.71
N SER A 175 -9.25 8.08 12.69
CA SER A 175 -8.86 6.86 11.99
C SER A 175 -7.37 6.81 11.73
N VAL A 176 -6.92 5.69 11.17
CA VAL A 176 -5.56 5.56 10.76
C VAL A 176 -5.19 6.69 9.79
N ALA A 177 -6.15 7.12 8.96
CA ALA A 177 -5.83 8.22 8.03
C ALA A 177 -5.49 9.52 8.77
N ASP A 178 -6.21 9.83 9.83
CA ASP A 178 -5.94 11.03 10.62
C ASP A 178 -4.56 10.94 11.18
N LEU A 179 -4.22 9.79 11.77
CA LEU A 179 -2.91 9.62 12.33
C LEU A 179 -1.82 9.73 11.29
N THR A 180 -2.09 9.19 10.10
CA THR A 180 -1.12 9.27 9.01
C THR A 180 -0.87 10.72 8.55
N VAL A 181 -1.92 11.51 8.37
CA VAL A 181 -1.79 12.87 7.88
C VAL A 181 -1.12 13.74 9.00
N PHE A 182 -1.62 13.58 10.22
CA PHE A 182 -0.97 14.10 11.42
C PHE A 182 0.53 13.85 11.45
N ASN A 183 0.92 12.61 11.23
CA ASN A 183 2.33 12.27 11.31
C ASN A 183 3.12 12.96 10.23
N MET A 184 2.57 13.03 9.02
CA MET A 184 3.22 13.69 7.93
C MET A 184 3.37 15.21 8.16
N LEU A 185 2.35 15.84 8.69
CA LEU A 185 2.43 17.23 9.07
C LEU A 185 3.54 17.52 10.10
N MET A 186 3.67 16.65 11.09
CA MET A 186 4.77 16.70 12.05
C MET A 186 6.10 16.54 11.36
N THR A 187 6.24 15.54 10.49
CA THR A 187 7.41 15.40 9.62
C THR A 187 7.75 16.72 8.91
N LEU A 188 6.75 17.42 8.39
CA LEU A 188 7.04 18.60 7.60
C LEU A 188 7.02 19.90 8.41
N ASP A 189 6.90 19.82 9.73
CA ASP A 189 6.58 20.97 10.58
C ASP A 189 7.48 22.17 10.30
N ASP A 190 8.78 21.94 10.18
CA ASP A 190 9.72 23.04 10.01
C ASP A 190 9.73 23.64 8.59
N GLU A 191 9.10 22.96 7.63
CA GLU A 191 9.15 23.41 6.25
C GLU A 191 7.82 23.92 5.70
N VAL A 192 6.72 23.76 6.43
CA VAL A 192 5.43 24.29 5.97
C VAL A 192 4.82 25.28 6.97
N LYS A 193 4.14 26.27 6.44
CA LYS A 193 3.45 27.26 7.25
C LYS A 193 1.96 26.93 7.27
N LEU A 194 1.44 26.45 8.40
CA LEU A 194 0.04 26.07 8.44
C LEU A 194 -0.92 27.23 8.75
N GLU A 195 -0.42 28.46 8.86
CA GLU A 195 -1.28 29.63 9.08
C GLU A 195 -2.16 29.75 7.85
N GLU A 196 -1.63 29.40 6.70
CA GLU A 196 -2.37 29.46 5.45
C GLU A 196 -3.30 28.25 5.24
N TYR A 197 -3.19 27.24 6.11
CA TYR A 197 -4.07 26.07 6.07
C TYR A 197 -4.70 25.91 7.46
N PRO A 198 -5.69 26.74 7.79
CA PRO A 198 -6.32 26.71 9.10
C PRO A 198 -6.95 25.39 9.47
N GLN A 199 -7.57 24.68 8.53
CA GLN A 199 -8.07 23.32 8.84
C GLN A 199 -6.98 22.35 9.29
N LEU A 200 -5.87 22.27 8.53
CA LEU A 200 -4.72 21.47 8.93
C LEU A 200 -4.08 21.93 10.25
N ALA A 201 -3.99 23.24 10.46
CA ALA A 201 -3.51 23.77 11.75
C ALA A 201 -4.38 23.31 12.90
N SER A 202 -5.68 23.45 12.79
CA SER A 202 -6.59 22.96 13.83
C SER A 202 -6.47 21.42 14.07
N PHE A 203 -6.42 20.69 12.96
CA PHE A 203 -6.33 19.22 12.96
C PHE A 203 -5.08 18.76 13.66
N VAL A 204 -3.92 19.35 13.34
CA VAL A 204 -2.65 18.86 13.88
C VAL A 204 -2.61 19.09 15.41
N ASN A 205 -3.15 20.22 15.86
CA ASN A 205 -3.30 20.48 17.29
C ASN A 205 -4.31 19.52 17.95
N LYS A 206 -5.47 19.30 17.33
CA LYS A 206 -6.44 18.34 17.88
C LYS A 206 -5.83 16.92 18.03
N ILE A 207 -5.23 16.38 16.97
CA ILE A 207 -4.74 14.99 17.07
C ILE A 207 -3.63 14.93 18.13
N GLY A 208 -2.75 15.91 18.09
CA GLY A 208 -1.59 16.00 18.97
C GLY A 208 -1.90 16.11 20.46
N GLN A 209 -3.09 16.60 20.76
CA GLN A 209 -3.58 16.73 22.13
C GLN A 209 -4.33 15.49 22.61
N MET A 210 -4.60 14.53 21.74
CA MET A 210 -5.33 13.35 22.17
C MET A 210 -4.47 12.60 23.20
N PRO A 211 -5.10 12.12 24.28
CA PRO A 211 -4.37 11.35 25.30
C PRO A 211 -3.76 10.11 24.65
N GLY A 212 -2.60 9.72 25.07
CA GLY A 212 -1.98 8.57 24.44
C GLY A 212 -1.03 9.14 23.42
N ILE A 213 -1.55 9.85 22.41
CA ILE A 213 -0.68 10.50 21.45
C ILE A 213 0.22 11.56 22.11
N LYS A 214 -0.38 12.40 22.92
CA LYS A 214 0.36 13.52 23.52
C LYS A 214 1.56 13.02 24.33
N GLU A 215 1.34 11.96 25.10
CA GLU A 215 2.39 11.46 26.01
C GLU A 215 3.44 10.74 25.20
N TRP A 216 3.01 10.06 24.15
CA TRP A 216 3.92 9.36 23.27
C TRP A 216 4.84 10.34 22.58
N ILE A 217 4.31 11.45 22.08
CA ILE A 217 5.18 12.39 21.39
C ILE A 217 6.25 12.93 22.36
N LYS A 218 5.90 13.12 23.62
CA LYS A 218 6.85 13.66 24.59
C LYS A 218 7.90 12.60 24.96
N LYS A 219 7.44 11.36 25.08
CA LYS A 219 8.18 10.19 25.53
C LYS A 219 9.21 9.71 24.52
N ARG A 220 8.84 9.72 23.24
CA ARG A 220 9.47 8.86 22.25
C ARG A 220 10.90 9.27 22.04
N PRO A 221 11.76 8.34 21.66
CA PRO A 221 13.16 8.71 21.39
C PRO A 221 13.23 9.75 20.28
N LYS A 222 14.09 10.76 20.43
CA LYS A 222 14.23 11.82 19.44
C LYS A 222 15.24 11.35 18.43
N THR A 223 14.81 11.18 17.21
CA THR A 223 15.70 10.69 16.17
C THR A 223 15.66 11.65 15.00
N TYR A 224 16.67 11.59 14.15
CA TYR A 224 16.72 12.49 13.00
C TYR A 224 15.55 12.23 11.99
N PHE A 225 15.13 10.98 11.85
CA PHE A 225 14.03 10.62 10.91
C PHE A 225 13.05 9.55 11.48
N GLU B 26 -24.50 -4.29 -7.62
CA GLU B 26 -24.16 -2.82 -7.51
C GLU B 26 -23.54 -2.30 -8.79
N LYS B 27 -23.62 -1.00 -9.02
CA LYS B 27 -23.05 -0.44 -10.24
C LYS B 27 -21.59 -0.01 -9.98
N TYR B 28 -20.68 -0.82 -10.49
CA TYR B 28 -19.24 -0.62 -10.36
C TYR B 28 -18.73 -0.09 -11.66
N THR B 29 -18.02 1.04 -11.64
CA THR B 29 -17.26 1.46 -12.78
C THR B 29 -15.77 1.62 -12.44
N LEU B 30 -14.94 0.90 -13.18
CA LEU B 30 -13.49 0.96 -13.05
C LEU B 30 -12.95 1.88 -14.11
N THR B 31 -12.19 2.89 -13.73
CA THR B 31 -11.58 3.79 -14.71
C THR B 31 -10.09 3.56 -14.69
N TYR B 32 -9.53 3.29 -15.85
CA TYR B 32 -8.08 3.19 -15.97
C TYR B 32 -7.69 3.45 -17.40
N PHE B 33 -6.39 3.53 -17.71
CA PHE B 33 -5.92 3.51 -19.10
C PHE B 33 -6.33 2.22 -19.78
N ASN B 34 -6.18 2.20 -21.11
CA ASN B 34 -6.32 0.98 -21.89
C ASN B 34 -5.09 0.13 -21.69
N GLY B 35 -5.05 -0.59 -20.60
CA GLY B 35 -3.88 -1.39 -20.26
C GLY B 35 -4.18 -2.21 -19.03
N ARG B 36 -3.29 -3.14 -18.73
CA ARG B 36 -3.40 -4.01 -17.58
C ARG B 36 -2.93 -3.19 -16.40
N GLY B 37 -1.62 -2.93 -16.34
CA GLY B 37 -1.03 -2.00 -15.37
C GLY B 37 -1.53 -2.29 -13.98
N ARG B 38 -1.84 -1.22 -13.27
CA ARG B 38 -2.28 -1.33 -11.88
C ARG B 38 -3.77 -1.59 -11.68
N ALA B 39 -4.51 -1.77 -12.76
CA ALA B 39 -5.93 -2.07 -12.68
C ALA B 39 -6.20 -3.56 -12.85
N GLU B 40 -5.24 -4.32 -13.35
CA GLU B 40 -5.58 -5.66 -13.78
C GLU B 40 -5.94 -6.63 -12.67
N VAL B 41 -5.31 -6.49 -11.49
CA VAL B 41 -5.71 -7.37 -10.39
C VAL B 41 -7.20 -7.07 -10.08
N ILE B 42 -7.60 -5.79 -10.09
CA ILE B 42 -9.00 -5.45 -9.86
C ILE B 42 -9.87 -6.16 -10.93
N ARG B 43 -9.48 -6.08 -12.19
CA ARG B 43 -10.23 -6.77 -13.26
C ARG B 43 -10.31 -8.27 -13.04
N LEU B 44 -9.27 -8.87 -12.47
CA LEU B 44 -9.24 -10.30 -12.18
C LEU B 44 -10.17 -10.66 -11.01
N LEU B 45 -10.27 -9.77 -10.01
CA LEU B 45 -11.16 -9.95 -8.89
C LEU B 45 -12.60 -9.98 -9.37
N PHE B 46 -12.95 -9.00 -10.21
CA PHE B 46 -14.29 -8.98 -10.80
C PHE B 46 -14.56 -10.26 -11.60
N ALA B 47 -13.59 -10.65 -12.41
CA ALA B 47 -13.74 -11.86 -13.20
C ALA B 47 -13.94 -13.10 -12.33
N LEU B 48 -13.13 -13.22 -11.29
CA LEU B 48 -13.17 -14.43 -10.48
C LEU B 48 -14.48 -14.47 -9.68
N ALA B 49 -14.89 -13.32 -9.19
CA ALA B 49 -16.12 -13.21 -8.43
C ALA B 49 -17.40 -13.28 -9.31
N ASN B 50 -17.24 -13.14 -10.63
CA ASN B 50 -18.35 -13.10 -11.58
C ASN B 50 -19.29 -11.92 -11.27
N VAL B 51 -18.68 -10.77 -11.00
CA VAL B 51 -19.40 -9.54 -10.70
C VAL B 51 -19.25 -8.56 -11.87
N SER B 52 -20.37 -8.07 -12.38
CA SER B 52 -20.36 -7.16 -13.53
C SER B 52 -19.90 -5.76 -13.13
N TYR B 53 -19.17 -5.11 -14.01
CA TYR B 53 -18.69 -3.75 -13.82
C TYR B 53 -18.44 -3.17 -15.18
N GLU B 54 -18.41 -1.84 -15.23
CA GLU B 54 -18.10 -1.12 -16.44
C GLU B 54 -16.58 -0.89 -16.42
N ASP B 55 -15.91 -1.45 -17.41
CA ASP B 55 -14.48 -1.31 -17.61
C ASP B 55 -14.19 -0.09 -18.49
N ASN B 56 -14.16 1.07 -17.85
CA ASN B 56 -13.94 2.35 -18.51
C ASN B 56 -12.46 2.63 -18.77
N ARG B 57 -12.03 2.53 -20.02
CA ARG B 57 -10.63 2.75 -20.39
C ARG B 57 -10.56 4.10 -21.10
N ILE B 58 -9.66 4.96 -20.63
CA ILE B 58 -9.55 6.31 -21.11
C ILE B 58 -8.21 6.46 -21.78
N THR B 59 -8.14 7.45 -22.65
CA THR B 59 -6.90 7.79 -23.32
C THR B 59 -6.10 8.75 -22.49
N ARG B 60 -4.85 8.86 -22.85
CA ARG B 60 -3.92 9.75 -22.19
C ARG B 60 -4.45 11.17 -22.28
N ASP B 61 -5.06 11.48 -23.41
CA ASP B 61 -5.64 12.80 -23.60
C ASP B 61 -6.86 13.07 -22.74
N GLU B 62 -7.77 12.10 -22.62
CA GLU B 62 -8.92 12.29 -21.73
C GLU B 62 -8.48 12.41 -20.26
N TRP B 63 -7.36 11.77 -19.93
CA TRP B 63 -6.90 11.74 -18.52
C TRP B 63 -6.42 13.12 -18.04
N LYS B 64 -5.81 13.88 -18.94
CA LYS B 64 -5.42 15.29 -18.69
C LYS B 64 -6.58 16.06 -18.09
N TYR B 65 -7.76 15.86 -18.67
CA TYR B 65 -8.94 16.53 -18.20
C TYR B 65 -9.42 15.93 -16.86
N LEU B 66 -9.38 14.61 -16.75
CA LEU B 66 -10.03 13.93 -15.62
C LEU B 66 -9.19 14.00 -14.33
N LYS B 67 -7.89 14.08 -14.49
CA LYS B 67 -6.93 13.96 -13.37
C LYS B 67 -7.23 14.77 -12.11
N PRO B 68 -7.51 16.08 -12.23
CA PRO B 68 -7.75 16.88 -11.02
C PRO B 68 -8.99 16.56 -10.25
N ARG B 69 -9.96 15.88 -10.85
CA ARG B 69 -11.18 15.51 -10.15
C ARG B 69 -11.12 14.13 -9.57
N THR B 70 -10.00 13.45 -9.66
CA THR B 70 -9.80 12.26 -8.83
C THR B 70 -9.30 12.68 -7.46
N PRO B 71 -9.44 11.81 -6.48
CA PRO B 71 -9.01 12.15 -5.12
C PRO B 71 -7.52 12.40 -4.98
N PHE B 72 -6.70 11.65 -5.74
CA PHE B 72 -5.23 11.70 -5.56
C PHE B 72 -4.43 11.93 -6.85
N GLY B 73 -5.13 12.09 -7.98
CA GLY B 73 -4.47 12.42 -9.25
C GLY B 73 -3.99 11.18 -9.95
N HIS B 74 -4.60 10.06 -9.64
CA HIS B 74 -4.28 8.78 -10.30
C HIS B 74 -5.46 7.95 -10.71
N VAL B 75 -5.21 7.00 -11.59
CA VAL B 75 -6.03 5.83 -11.77
C VAL B 75 -5.22 4.60 -11.37
N PRO B 76 -5.86 3.50 -11.00
CA PRO B 76 -7.32 3.30 -11.15
C PRO B 76 -8.23 4.05 -10.16
N MET B 77 -9.48 4.22 -10.57
CA MET B 77 -10.54 4.70 -9.71
C MET B 77 -11.73 3.77 -9.81
N LEU B 78 -12.47 3.65 -8.71
CA LEU B 78 -13.70 2.90 -8.65
C LEU B 78 -14.82 3.86 -8.33
N ASN B 79 -15.85 3.81 -9.14
CA ASN B 79 -17.09 4.49 -8.86
C ASN B 79 -18.10 3.40 -8.52
N VAL B 80 -18.61 3.44 -7.30
CA VAL B 80 -19.65 2.54 -6.81
C VAL B 80 -20.93 3.35 -6.61
N SER B 81 -21.90 3.12 -7.50
CA SER B 81 -23.16 3.86 -7.54
C SER B 81 -22.96 5.33 -7.15
N GLY B 82 -22.13 6.02 -7.94
CA GLY B 82 -21.87 7.45 -7.79
C GLY B 82 -20.82 7.93 -6.78
N ASN B 83 -20.30 7.04 -5.94
CA ASN B 83 -19.25 7.42 -4.99
C ASN B 83 -17.88 6.86 -5.45
N VAL B 84 -16.84 7.65 -5.23
CA VAL B 84 -15.56 7.40 -5.83
C VAL B 84 -14.54 6.98 -4.78
N LEU B 85 -13.73 6.00 -5.16
CA LEU B 85 -12.66 5.49 -4.33
C LEU B 85 -11.40 5.42 -5.17
N GLY B 86 -10.30 5.91 -4.65
CA GLY B 86 -9.01 5.84 -5.36
C GLY B 86 -8.14 4.78 -4.71
N GLU B 87 -6.96 4.54 -5.30
CA GLU B 87 -5.93 3.66 -4.81
C GLU B 87 -6.23 2.18 -5.11
N SER B 88 -5.50 1.65 -6.09
CA SER B 88 -5.64 0.29 -6.50
C SER B 88 -5.75 -0.69 -5.30
N HIS B 89 -4.90 -0.53 -4.28
CA HIS B 89 -4.92 -1.48 -3.17
C HIS B 89 -6.06 -1.23 -2.20
N ALA B 90 -6.60 -0.01 -2.18
CA ALA B 90 -7.77 0.25 -1.38
C ALA B 90 -9.01 -0.32 -2.09
N ILE B 91 -9.03 -0.22 -3.39
CA ILE B 91 -10.07 -0.84 -4.20
C ILE B 91 -10.06 -2.34 -4.09
N GLU B 92 -8.85 -2.89 -4.11
CA GLU B 92 -8.65 -4.33 -3.92
C GLU B 92 -9.11 -4.77 -2.55
N LEU B 93 -8.82 -3.98 -1.54
CA LEU B 93 -9.23 -4.27 -0.19
C LEU B 93 -10.79 -4.28 -0.11
N LEU B 94 -11.40 -3.31 -0.74
CA LEU B 94 -12.86 -3.17 -0.68
C LEU B 94 -13.50 -4.33 -1.39
N LEU B 95 -13.13 -4.52 -2.65
CA LEU B 95 -13.75 -5.56 -3.48
C LEU B 95 -13.42 -6.95 -2.98
N GLY B 96 -12.15 -7.15 -2.63
CA GLY B 96 -11.68 -8.38 -2.02
C GLY B 96 -12.52 -8.77 -0.81
N GLY B 97 -12.84 -7.80 0.03
CA GLY B 97 -13.61 -8.06 1.23
C GLY B 97 -15.05 -8.41 0.90
N ARG B 98 -15.65 -7.79 -0.12
CA ARG B 98 -17.02 -8.05 -0.50
C ARG B 98 -17.16 -9.37 -1.25
N PHE B 99 -16.05 -9.86 -1.83
CA PHE B 99 -16.09 -11.06 -2.65
C PHE B 99 -15.50 -12.25 -1.89
N GLY B 100 -15.14 -12.12 -0.63
CA GLY B 100 -14.57 -13.23 0.11
C GLY B 100 -13.15 -13.66 -0.33
N LEU B 101 -12.39 -12.71 -0.89
CA LEU B 101 -11.04 -12.99 -1.40
C LEU B 101 -9.95 -12.38 -0.51
N LEU B 102 -10.26 -12.19 0.77
CA LEU B 102 -9.32 -11.76 1.78
C LEU B 102 -9.20 -12.73 2.96
N GLY B 103 -9.33 -14.02 2.67
CA GLY B 103 -9.24 -15.01 3.73
C GLY B 103 -10.44 -15.01 4.66
N THR B 104 -10.24 -15.57 5.85
CA THR B 104 -11.35 -15.84 6.78
C THR B 104 -11.28 -15.09 8.09
N ASN B 105 -10.24 -14.28 8.28
CA ASN B 105 -10.10 -13.49 9.47
C ASN B 105 -9.22 -12.30 9.23
N ASP B 106 -9.05 -11.48 10.26
CA ASP B 106 -8.30 -10.24 10.04
C ASP B 106 -6.79 -10.47 9.80
N TRP B 107 -6.26 -11.54 10.37
CA TRP B 107 -4.86 -11.88 10.26
C TRP B 107 -4.57 -12.33 8.81
N GLU B 108 -5.40 -13.19 8.24
CA GLU B 108 -5.27 -13.57 6.85
C GLU B 108 -5.41 -12.38 5.94
N GLU B 109 -6.38 -11.53 6.21
CA GLU B 109 -6.54 -10.36 5.40
C GLU B 109 -5.25 -9.49 5.36
N ALA B 110 -4.65 -9.29 6.53
CA ALA B 110 -3.51 -8.43 6.63
C ALA B 110 -2.30 -9.09 5.91
N LYS B 111 -2.14 -10.40 6.04
CA LYS B 111 -1.07 -11.11 5.33
C LYS B 111 -1.26 -11.09 3.80
N ILE B 112 -2.52 -11.18 3.37
CA ILE B 112 -2.86 -10.99 1.98
C ILE B 112 -2.52 -9.63 1.46
N MET B 113 -2.86 -8.59 2.22
CA MET B 113 -2.54 -7.24 1.82
C MET B 113 -1.02 -6.94 1.88
N ALA B 114 -0.32 -7.52 2.82
CA ALA B 114 1.16 -7.44 2.82
C ALA B 114 1.76 -7.93 1.50
N VAL B 115 1.29 -9.07 0.99
CA VAL B 115 1.74 -9.63 -0.28
C VAL B 115 1.41 -8.65 -1.40
N VAL B 116 0.17 -8.13 -1.41
CA VAL B 116 -0.20 -7.14 -2.39
C VAL B 116 0.76 -5.97 -2.38
N LEU B 117 1.07 -5.44 -1.20
CA LEU B 117 1.91 -4.26 -1.07
C LEU B 117 3.35 -4.57 -1.49
N ASN B 118 3.78 -5.80 -1.17
CA ASN B 118 5.11 -6.26 -1.57
C ASN B 118 5.25 -6.28 -3.13
N ILE B 119 4.24 -6.81 -3.80
CA ILE B 119 4.30 -6.96 -5.24
C ILE B 119 4.21 -5.59 -5.88
N ASP B 120 3.54 -4.65 -5.23
CA ASP B 120 3.49 -3.29 -5.72
C ASP B 120 4.92 -2.69 -5.79
N GLU B 121 5.80 -3.00 -4.85
CA GLU B 121 7.20 -2.56 -4.95
C GLU B 121 7.90 -3.09 -6.20
N LEU B 122 7.70 -4.38 -6.46
CA LEU B 122 8.25 -4.98 -7.66
C LEU B 122 7.62 -4.34 -8.92
N PHE B 123 6.31 -4.13 -8.96
CA PHE B 123 5.68 -3.43 -10.09
C PHE B 123 6.31 -2.06 -10.32
N GLN B 124 6.50 -1.30 -9.26
CA GLN B 124 7.11 0.04 -9.37
C GLN B 124 8.53 -0.06 -9.99
N LYS B 125 9.30 -1.03 -9.54
CA LYS B 125 10.63 -1.27 -10.11
C LYS B 125 10.59 -1.64 -11.58
N LEU B 126 9.51 -2.29 -12.01
CA LEU B 126 9.42 -2.73 -13.39
C LEU B 126 8.83 -1.65 -14.32
N ILE B 127 8.39 -0.51 -13.78
CA ILE B 127 7.79 0.52 -14.61
C ILE B 127 8.65 0.94 -15.83
N PRO B 128 9.91 1.32 -15.69
CA PRO B 128 10.69 1.70 -16.91
C PRO B 128 10.73 0.55 -17.95
N TRP B 129 10.98 -0.65 -17.45
CA TRP B 129 10.98 -1.85 -18.31
C TRP B 129 9.66 -2.01 -19.10
N THR B 130 8.51 -1.85 -18.44
CA THR B 130 7.24 -2.10 -19.15
C THR B 130 7.02 -1.06 -20.27
N HIS B 131 7.59 0.12 -20.09
CA HIS B 131 7.31 1.28 -20.96
C HIS B 131 8.41 1.51 -22.04
N GLU B 132 9.53 0.79 -21.91
CA GLU B 132 10.58 0.78 -22.92
C GLU B 132 10.26 -0.25 -24.02
N LYS B 133 10.05 0.21 -25.26
CA LYS B 133 9.64 -0.67 -26.38
C LYS B 133 10.78 -1.22 -27.27
N ASN B 134 11.92 -0.53 -27.32
CA ASN B 134 13.10 -1.08 -27.99
C ASN B 134 13.63 -2.33 -27.27
N THR B 135 13.88 -3.40 -28.04
CA THR B 135 14.09 -4.72 -27.43
C THR B 135 15.41 -4.87 -26.67
N THR B 136 16.48 -4.21 -27.11
CA THR B 136 17.77 -4.36 -26.42
C THR B 136 17.87 -3.45 -25.17
N LYS B 137 17.27 -2.26 -25.23
CA LYS B 137 17.20 -1.39 -24.07
C LYS B 137 16.30 -2.02 -22.98
N LYS B 138 15.19 -2.61 -23.41
CA LYS B 138 14.27 -3.30 -22.51
C LYS B 138 14.92 -4.47 -21.80
N ALA B 139 15.64 -5.30 -22.56
CA ALA B 139 16.36 -6.46 -22.01
C ALA B 139 17.42 -6.04 -21.01
N GLU B 140 18.08 -4.90 -21.25
CA GLU B 140 19.07 -4.36 -20.34
C GLU B 140 18.43 -3.85 -19.03
N LEU B 141 17.23 -3.28 -19.14
CA LEU B 141 16.49 -2.85 -17.95
C LEU B 141 16.21 -4.08 -17.09
N PHE B 142 15.72 -5.13 -17.74
CA PHE B 142 15.28 -6.32 -17.04
C PHE B 142 16.48 -6.97 -16.38
N ARG B 143 17.58 -7.10 -17.10
CA ARG B 143 18.69 -7.85 -16.54
C ARG B 143 19.27 -7.16 -15.32
N ASN B 144 19.23 -5.84 -15.28
CA ASN B 144 19.70 -5.14 -14.08
C ASN B 144 18.78 -5.25 -12.83
N LEU B 145 17.61 -5.84 -13.02
CA LEU B 145 16.63 -6.07 -11.97
C LEU B 145 16.52 -7.52 -11.60
N SER B 146 17.12 -8.39 -12.43
CA SER B 146 16.93 -9.82 -12.30
C SER B 146 17.39 -10.33 -10.94
N GLU B 147 18.67 -10.22 -10.64
CA GLU B 147 19.18 -10.71 -9.35
C GLU B 147 18.70 -9.87 -8.18
N SER B 148 18.56 -8.57 -8.37
CA SER B 148 18.19 -7.70 -7.27
C SER B 148 16.71 -7.85 -6.86
N ASP B 149 15.83 -8.09 -7.84
CA ASP B 149 14.38 -8.03 -7.59
C ASP B 149 13.54 -9.18 -8.10
N VAL B 150 13.81 -9.64 -9.32
CA VAL B 150 12.95 -10.67 -9.89
C VAL B 150 13.24 -12.00 -9.27
N MET B 151 14.52 -12.35 -9.15
CA MET B 151 14.87 -13.63 -8.57
C MET B 151 14.42 -13.75 -7.11
N PRO B 152 14.65 -12.73 -6.29
CA PRO B 152 14.14 -12.80 -4.92
C PRO B 152 12.62 -13.02 -4.87
N PHE B 153 11.89 -12.40 -5.79
CA PHE B 153 10.46 -12.54 -5.89
C PHE B 153 10.06 -13.98 -6.13
N LEU B 154 10.69 -14.61 -7.10
CA LEU B 154 10.39 -15.99 -7.40
C LEU B 154 10.69 -16.92 -6.22
N GLY B 155 11.83 -16.75 -5.58
CA GLY B 155 12.18 -17.58 -4.43
C GLY B 155 11.20 -17.40 -3.29
N ARG B 156 10.80 -16.14 -3.07
CA ARG B 156 9.89 -15.77 -1.99
C ARG B 156 8.57 -16.48 -2.14
N TYR B 157 8.00 -16.40 -3.32
CA TYR B 157 6.64 -16.89 -3.52
C TYR B 157 6.61 -18.42 -3.75
N GLU B 158 7.69 -18.95 -4.29
CA GLU B 158 7.90 -20.39 -4.34
C GLU B 158 7.87 -20.96 -2.93
N LYS B 159 8.56 -20.30 -2.01
CA LYS B 159 8.61 -20.75 -0.62
C LYS B 159 7.28 -20.62 0.08
N PHE B 160 6.59 -19.48 -0.09
CA PHE B 160 5.24 -19.30 0.48
C PHE B 160 4.32 -20.43 0.03
N LEU B 161 4.41 -20.79 -1.23
CA LEU B 161 3.60 -21.92 -1.73
C LEU B 161 4.04 -23.24 -1.15
N LYS B 162 5.34 -23.49 -1.03
CA LYS B 162 5.82 -24.75 -0.44
C LYS B 162 5.30 -24.94 1.00
N GLU B 163 5.10 -23.82 1.70
CA GLU B 163 4.56 -23.78 3.06
C GLU B 163 3.06 -23.98 3.13
N SER B 164 2.37 -23.77 2.01
CA SER B 164 0.93 -23.95 1.92
C SER B 164 0.58 -25.41 1.61
N THR B 165 -0.42 -25.94 2.27
CA THR B 165 -0.83 -27.30 2.01
C THR B 165 -1.75 -27.34 0.79
N THR B 166 -2.38 -26.20 0.45
CA THR B 166 -3.37 -26.18 -0.64
C THR B 166 -2.94 -25.39 -1.85
N GLY B 167 -1.71 -24.90 -1.89
CA GLY B 167 -1.22 -24.15 -3.05
C GLY B 167 -1.81 -22.74 -3.20
N HIS B 168 -1.99 -22.08 -2.07
CA HIS B 168 -2.40 -20.69 -2.05
C HIS B 168 -1.32 -19.91 -1.36
N ILE B 169 -1.25 -18.62 -1.67
CA ILE B 169 -0.16 -17.82 -1.10
C ILE B 169 -0.40 -17.63 0.39
N VAL B 170 -1.64 -17.36 0.76
CA VAL B 170 -2.07 -17.27 2.15
C VAL B 170 -3.35 -18.08 2.37
N GLY B 171 -3.39 -18.87 3.43
CA GLY B 171 -4.60 -19.57 3.80
C GLY B 171 -4.97 -20.73 2.88
N ASN B 172 -6.25 -21.06 2.82
CA ASN B 172 -6.69 -22.31 2.18
C ASN B 172 -7.60 -22.03 1.01
N LYS B 173 -7.71 -20.75 0.61
CA LYS B 173 -8.59 -20.41 -0.48
C LYS B 173 -7.98 -19.30 -1.29
N VAL B 174 -8.36 -19.26 -2.57
CA VAL B 174 -7.91 -18.19 -3.44
C VAL B 174 -8.20 -16.83 -2.83
N SER B 175 -7.23 -15.94 -2.97
CA SER B 175 -7.32 -14.58 -2.46
C SER B 175 -6.77 -13.57 -3.45
N VAL B 176 -6.87 -12.31 -3.04
CA VAL B 176 -6.27 -11.23 -3.82
C VAL B 176 -4.75 -11.45 -3.98
N ALA B 177 -4.12 -12.00 -2.95
CA ALA B 177 -2.69 -12.32 -3.01
C ALA B 177 -2.40 -13.28 -4.13
N ASP B 178 -3.20 -14.31 -4.31
CA ASP B 178 -2.98 -15.24 -5.40
C ASP B 178 -3.11 -14.55 -6.74
N LEU B 179 -4.11 -13.69 -6.84
CA LEU B 179 -4.39 -13.04 -8.09
C LEU B 179 -3.27 -12.07 -8.41
N THR B 180 -2.73 -11.40 -7.40
CA THR B 180 -1.60 -10.50 -7.58
C THR B 180 -0.29 -11.18 -8.04
N VAL B 181 0.07 -12.28 -7.40
CA VAL B 181 1.24 -13.06 -7.75
C VAL B 181 1.04 -13.68 -9.16
N PHE B 182 -0.15 -14.20 -9.45
CA PHE B 182 -0.49 -14.73 -10.80
C PHE B 182 -0.34 -13.63 -11.85
N ASN B 183 -0.88 -12.45 -11.59
CA ASN B 183 -0.76 -11.41 -12.59
C ASN B 183 0.69 -10.99 -12.86
N MET B 184 1.50 -10.88 -11.82
CA MET B 184 2.92 -10.55 -11.96
C MET B 184 3.70 -11.65 -12.72
N LEU B 185 3.42 -12.90 -12.43
CA LEU B 185 4.01 -13.97 -13.17
C LEU B 185 3.64 -13.93 -14.66
N MET B 186 2.40 -13.56 -15.00
CA MET B 186 1.99 -13.38 -16.42
C MET B 186 2.72 -12.21 -17.04
N THR B 187 2.79 -11.11 -16.29
CA THR B 187 3.57 -9.98 -16.74
C THR B 187 5.00 -10.41 -17.12
N LEU B 188 5.59 -11.29 -16.32
CA LEU B 188 6.99 -11.71 -16.54
C LEU B 188 7.15 -12.97 -17.40
N ASP B 189 6.08 -13.41 -18.03
CA ASP B 189 6.05 -14.74 -18.67
C ASP B 189 7.10 -14.98 -19.77
N ASP B 190 7.50 -13.92 -20.49
CA ASP B 190 8.54 -14.09 -21.50
C ASP B 190 9.92 -14.10 -20.89
N GLU B 191 10.09 -13.55 -19.69
CA GLU B 191 11.38 -13.34 -19.09
C GLU B 191 11.68 -14.39 -18.05
N VAL B 192 10.66 -15.09 -17.60
CA VAL B 192 10.87 -15.95 -16.47
C VAL B 192 10.65 -17.42 -16.85
N LYS B 193 11.65 -18.21 -16.53
CA LYS B 193 11.59 -19.67 -16.55
C LYS B 193 11.15 -20.10 -15.18
N LEU B 194 10.08 -20.88 -15.16
CA LEU B 194 9.61 -21.47 -13.95
C LEU B 194 10.11 -22.90 -13.88
N GLU B 195 11.13 -23.24 -14.69
CA GLU B 195 11.79 -24.58 -14.62
C GLU B 195 12.17 -24.96 -13.18
N GLU B 196 12.81 -24.04 -12.45
CA GLU B 196 13.27 -24.33 -11.11
C GLU B 196 12.26 -23.94 -10.01
N TYR B 197 11.03 -23.59 -10.41
CA TYR B 197 10.02 -23.11 -9.50
C TYR B 197 8.73 -23.88 -9.72
N PRO B 198 8.74 -25.18 -9.46
CA PRO B 198 7.58 -26.02 -9.75
C PRO B 198 6.33 -25.59 -9.02
N GLN B 199 6.45 -25.13 -7.78
CA GLN B 199 5.29 -24.61 -7.10
C GLN B 199 4.66 -23.44 -7.88
N LEU B 200 5.45 -22.48 -8.32
CA LEU B 200 4.89 -21.34 -9.01
C LEU B 200 4.32 -21.75 -10.35
N ALA B 201 4.96 -22.70 -11.02
CA ALA B 201 4.47 -23.16 -12.32
C ALA B 201 3.10 -23.84 -12.18
N SER B 202 2.92 -24.71 -11.19
CA SER B 202 1.61 -25.32 -10.92
C SER B 202 0.57 -24.23 -10.56
N PHE B 203 0.99 -23.28 -9.74
CA PHE B 203 0.15 -22.19 -9.29
C PHE B 203 -0.38 -21.36 -10.47
N VAL B 204 0.51 -20.98 -11.37
CA VAL B 204 0.17 -20.11 -12.48
C VAL B 204 -0.86 -20.79 -13.31
N ASN B 205 -0.70 -22.11 -13.50
CA ASN B 205 -1.64 -22.92 -14.25
C ASN B 205 -3.00 -23.03 -13.56
N LYS B 206 -2.97 -23.34 -12.27
CA LYS B 206 -4.17 -23.47 -11.50
C LYS B 206 -5.00 -22.18 -11.53
N ILE B 207 -4.39 -21.02 -11.27
CA ILE B 207 -5.17 -19.78 -11.21
C ILE B 207 -5.75 -19.42 -12.59
N GLY B 208 -4.95 -19.59 -13.62
CA GLY B 208 -5.32 -19.21 -14.97
C GLY B 208 -6.46 -20.03 -15.55
N GLN B 209 -6.74 -21.18 -14.93
CA GLN B 209 -7.75 -22.10 -15.39
C GLN B 209 -9.02 -21.94 -14.58
N MET B 210 -9.06 -21.05 -13.58
CA MET B 210 -10.22 -20.91 -12.73
C MET B 210 -11.35 -20.23 -13.49
N PRO B 211 -12.59 -20.72 -13.32
CA PRO B 211 -13.76 -20.08 -13.93
C PRO B 211 -13.73 -18.58 -13.75
N GLY B 212 -13.93 -17.89 -14.86
CA GLY B 212 -14.03 -16.44 -14.89
C GLY B 212 -12.70 -15.84 -15.27
N ILE B 213 -11.61 -16.30 -14.63
CA ILE B 213 -10.26 -15.83 -14.97
C ILE B 213 -9.91 -16.22 -16.39
N LYS B 214 -10.13 -17.47 -16.71
CA LYS B 214 -9.76 -18.00 -18.01
C LYS B 214 -10.47 -17.20 -19.14
N GLU B 215 -11.76 -17.00 -18.96
CA GLU B 215 -12.55 -16.30 -19.96
C GLU B 215 -12.11 -14.85 -20.03
N TRP B 216 -11.77 -14.27 -18.87
CA TRP B 216 -11.33 -12.89 -18.89
C TRP B 216 -10.03 -12.76 -19.66
N ILE B 217 -9.07 -13.66 -19.43
CA ILE B 217 -7.77 -13.55 -20.06
C ILE B 217 -7.90 -13.65 -21.61
N LYS B 218 -8.77 -14.55 -22.06
CA LYS B 218 -9.08 -14.67 -23.49
C LYS B 218 -9.78 -13.44 -24.07
N LYS B 219 -10.71 -12.85 -23.32
CA LYS B 219 -11.56 -11.75 -23.82
C LYS B 219 -10.86 -10.37 -23.79
N ARG B 220 -9.97 -10.19 -22.82
CA ARG B 220 -9.56 -8.85 -22.45
C ARG B 220 -8.80 -8.18 -23.61
N PRO B 221 -8.84 -6.87 -23.67
CA PRO B 221 -8.10 -6.18 -24.73
C PRO B 221 -6.60 -6.41 -24.64
N LYS B 222 -6.02 -6.68 -25.80
CA LYS B 222 -4.59 -6.95 -25.93
C LYS B 222 -3.79 -5.69 -25.94
N THR B 223 -3.04 -5.45 -24.86
CA THR B 223 -2.31 -4.21 -24.71
C THR B 223 -0.85 -4.50 -24.40
N TYR B 224 0.02 -3.52 -24.63
CA TYR B 224 1.44 -3.73 -24.39
C TYR B 224 1.80 -3.78 -22.90
N PHE B 225 0.98 -3.12 -22.07
CA PHE B 225 1.22 -2.99 -20.63
C PHE B 225 -0.09 -3.19 -19.84
N1 GSH C . 6.52 -1.65 1.58
CA1 GSH C . 7.32 -1.27 2.73
C1 GSH C . 6.63 -1.08 4.01
O11 GSH C . 6.76 -1.71 5.15
O12 GSH C . 5.77 -0.05 3.83
CB1 GSH C . 8.79 -0.84 2.62
CG1 GSH C . 9.47 -0.96 3.97
CD1 GSH C . 10.93 -0.52 3.79
OE1 GSH C . 11.40 -0.20 2.53
N2 GSH C . 11.68 -0.43 4.87
CA2 GSH C . 13.01 0.14 4.81
C2 GSH C . 13.97 -0.97 5.09
O2 GSH C . 13.48 -2.16 5.61
CB2 GSH C . 13.19 1.18 5.91
SG2 GSH C . 12.14 2.63 5.71
N3 GSH C . 15.25 -0.78 4.79
CA3 GSH C . 16.26 -1.78 5.07
C3 GSH C . 16.33 -2.81 3.98
O31 GSH C . 17.22 -3.76 3.96
O32 GSH C . 15.45 -2.77 2.94
N1 GSH D . -0.72 4.45 -5.34
CA1 GSH D . -1.23 4.16 -6.66
C1 GSH D . -2.28 3.13 -6.81
O11 GSH D . -1.81 1.93 -6.41
O12 GSH D . -3.48 3.24 -7.31
CB1 GSH D . -0.70 4.85 -7.91
CG1 GSH D . -1.52 4.69 -9.16
CD1 GSH D . -0.72 5.16 -10.37
OE1 GSH D . 0.62 5.48 -10.27
N2 GSH D . -1.31 5.19 -11.55
CA2 GSH D . -0.60 5.69 -12.72
C2 GSH D . -1.17 6.99 -13.12
O2 GSH D . -2.36 7.41 -12.57
CB2 GSH D . -0.71 4.68 -13.86
SG2 GSH D . 0.07 3.13 -13.35
N3 GSH D . -0.53 7.73 -14.01
CA3 GSH D . -1.14 8.95 -14.45
C3 GSH D . -0.85 10.05 -13.48
O31 GSH D . -0.29 9.83 -12.33
O32 GSH D . -1.12 11.38 -13.82
#